data_8Z53
#
_entry.id   8Z53
#
_cell.length_a   43.820
_cell.length_b   69.580
_cell.length_c   89.860
_cell.angle_alpha   90.00
_cell.angle_beta   92.85
_cell.angle_gamma   90.00
#
_symmetry.space_group_name_H-M   'P 1 21 1'
#
loop_
_entity.id
_entity.type
_entity.pdbx_description
1 polymer 'Strigolactone esterase D14'
2 non-polymer (7E)-6-methyl-8-[(4S)-2,6,6-trimethyl-4-oxidanyl-cyclohexen-1-yl]octa-3,5,7-trien-2-one
3 non-polymer DI(HYDROXYETHYL)ETHER
4 non-polymer GLYCEROL
5 water water
#
_entity_poly.entity_id   1
_entity_poly.type   'polypeptide(L)'
_entity_poly.pdbx_seq_one_letter_code
;SQHNILEALNVRVVGTGDRILFLAHGFGTDQSAWHLILPYFTQNYRVVLYDLVCAGSVNPDYFDFNRYTTLDPYVDDLLN
IVDSLGIQNCAYVGHSVSAMIGIIASIRRPELFSKLILIGFSPRFLNDEDYHGGFEEGEIEKVFSAMEANYEAWVHGFAP
LAVGADVPAAVREFSRTLFNMRPDISLFVSRTVFNSDLRGVLGLVRVPTCVIQTAKDVSVPASVAEYLRSHLGGDTTVET
LKTEGHLPQLSAPAQLAQFLRRALP
;
_entity_poly.pdbx_strand_id   A,B
#
# COMPACT_ATOMS: atom_id res chain seq x y z
N SER A 1 -14.08 -9.45 -0.89
CA SER A 1 -14.68 -9.46 -2.23
C SER A 1 -13.80 -8.64 -3.19
N GLN A 2 -14.21 -7.39 -3.44
CA GLN A 2 -13.37 -6.41 -4.10
C GLN A 2 -12.60 -5.57 -3.08
N HIS A 3 -12.76 -5.92 -1.79
CA HIS A 3 -12.37 -5.05 -0.70
C HIS A 3 -11.08 -5.42 0.03
N ASN A 4 -10.65 -6.69 -0.08
CA ASN A 4 -9.43 -7.15 0.56
C ASN A 4 -8.33 -7.43 -0.47
N ILE A 5 -8.29 -6.62 -1.53
CA ILE A 5 -7.53 -6.92 -2.73
C ILE A 5 -6.03 -6.81 -2.46
N LEU A 6 -5.65 -5.88 -1.57
CA LEU A 6 -4.25 -5.67 -1.25
C LEU A 6 -3.58 -6.92 -0.67
N GLU A 7 -4.29 -7.59 0.24
CA GLU A 7 -3.81 -8.85 0.81
C GLU A 7 -3.99 -9.99 -0.19
N ALA A 8 -5.17 -10.05 -0.83
CA ALA A 8 -5.52 -11.14 -1.73
C ALA A 8 -4.52 -11.29 -2.88
N LEU A 9 -4.06 -10.15 -3.43
CA LEU A 9 -3.14 -10.15 -4.55
C LEU A 9 -1.72 -9.77 -4.15
N ASN A 10 -1.38 -9.96 -2.87
CA ASN A 10 -0.02 -9.84 -2.38
C ASN A 10 0.65 -8.52 -2.79
N VAL A 11 -0.05 -7.41 -2.56
CA VAL A 11 0.46 -6.11 -2.96
C VAL A 11 1.58 -5.70 -2.02
N ARG A 12 2.75 -5.38 -2.58
CA ARG A 12 3.91 -4.96 -1.80
C ARG A 12 4.46 -3.66 -2.37
N VAL A 13 4.92 -2.79 -1.48
CA VAL A 13 5.51 -1.52 -1.84
C VAL A 13 6.91 -1.48 -1.26
N VAL A 14 7.91 -1.23 -2.12
CA VAL A 14 9.31 -1.20 -1.71
C VAL A 14 10.01 0.00 -2.34
N GLY A 15 11.18 0.36 -1.79
CA GLY A 15 11.98 1.46 -2.30
C GLY A 15 11.68 2.79 -1.59
N THR A 16 12.24 3.88 -2.12
CA THR A 16 12.33 5.12 -1.37
C THR A 16 11.86 6.39 -2.09
N GLY A 17 11.94 6.40 -3.42
CA GLY A 17 11.66 7.61 -4.20
C GLY A 17 10.21 8.11 -4.04
N ASP A 18 9.97 9.31 -4.57
CA ASP A 18 8.61 9.83 -4.67
C ASP A 18 7.89 9.25 -5.88
N ARG A 19 8.64 9.02 -6.97
CA ARG A 19 8.10 8.53 -8.23
C ARG A 19 7.71 7.05 -8.15
N ILE A 20 6.44 6.78 -8.45
CA ILE A 20 5.85 5.47 -8.23
C ILE A 20 6.07 4.61 -9.47
N LEU A 21 6.76 3.47 -9.30
CA LEU A 21 7.00 2.54 -10.39
C LEU A 21 6.19 1.27 -10.14
N PHE A 22 5.35 0.92 -11.10
CA PHE A 22 4.48 -0.23 -11.02
C PHE A 22 5.05 -1.36 -11.86
N LEU A 23 5.36 -2.50 -11.22
CA LEU A 23 5.88 -3.67 -11.93
C LEU A 23 4.83 -4.77 -11.93
N ALA A 24 4.32 -5.09 -13.13
CA ALA A 24 3.20 -6.01 -13.30
C ALA A 24 3.60 -7.20 -14.17
N HIS A 25 3.56 -8.38 -13.56
CA HIS A 25 4.05 -9.61 -14.18
C HIS A 25 3.04 -10.18 -15.17
N GLY A 26 3.50 -11.16 -15.96
CA GLY A 26 2.68 -11.78 -16.99
C GLY A 26 2.30 -13.23 -16.71
N PHE A 27 1.85 -13.92 -17.76
CA PHE A 27 1.34 -15.28 -17.65
C PHE A 27 2.44 -16.25 -17.21
N GLY A 28 2.10 -17.09 -16.23
CA GLY A 28 2.98 -18.16 -15.78
C GLY A 28 3.97 -17.77 -14.68
N THR A 29 4.03 -16.47 -14.37
CA THR A 29 4.92 -15.97 -13.34
C THR A 29 4.12 -15.35 -12.21
N ASP A 30 4.82 -14.84 -11.20
CA ASP A 30 4.26 -13.92 -10.22
C ASP A 30 5.28 -12.78 -10.05
N GLN A 31 5.07 -11.92 -9.04
CA GLN A 31 5.90 -10.74 -8.86
C GLN A 31 7.37 -11.06 -8.55
N SER A 32 7.65 -12.31 -8.14
CA SER A 32 9.03 -12.71 -7.85
C SER A 32 9.90 -12.68 -9.10
N ALA A 33 9.26 -12.69 -10.28
CA ALA A 33 9.96 -12.53 -11.54
C ALA A 33 10.73 -11.23 -11.67
N TRP A 34 10.36 -10.22 -10.86
CA TRP A 34 11.02 -8.92 -10.87
C TRP A 34 12.19 -8.80 -9.89
N HIS A 35 12.50 -9.88 -9.16
CA HIS A 35 13.43 -9.78 -8.04
C HIS A 35 14.87 -9.47 -8.45
N LEU A 36 15.28 -9.84 -9.66
CA LEU A 36 16.62 -9.53 -10.13
C LEU A 36 16.75 -8.09 -10.64
N ILE A 37 15.65 -7.51 -11.12
CA ILE A 37 15.60 -6.14 -11.61
C ILE A 37 15.40 -5.12 -10.49
N LEU A 38 14.75 -5.55 -9.40
CA LEU A 38 14.24 -4.66 -8.37
C LEU A 38 15.32 -3.80 -7.73
N PRO A 39 16.53 -4.35 -7.41
CA PRO A 39 17.60 -3.57 -6.80
C PRO A 39 18.09 -2.39 -7.65
N TYR A 40 17.85 -2.45 -8.96
CA TYR A 40 18.23 -1.38 -9.86
C TYR A 40 17.38 -0.12 -9.72
N PHE A 41 16.23 -0.24 -9.04
CA PHE A 41 15.25 0.83 -9.03
C PHE A 41 14.79 1.29 -7.64
N THR A 42 15.07 0.51 -6.60
CA THR A 42 14.51 0.77 -5.28
C THR A 42 15.14 1.97 -4.57
N GLN A 43 16.32 2.41 -5.02
CA GLN A 43 16.95 3.59 -4.48
C GLN A 43 16.35 4.88 -5.01
N ASN A 44 15.81 4.85 -6.24
CA ASN A 44 15.27 6.04 -6.89
C ASN A 44 13.76 6.01 -7.10
N TYR A 45 13.14 4.84 -6.91
CA TYR A 45 11.72 4.69 -7.18
C TYR A 45 11.00 4.05 -5.99
N ARG A 46 9.72 4.40 -5.86
CA ARG A 46 8.80 3.72 -4.97
C ARG A 46 8.10 2.66 -5.80
N VAL A 47 8.45 1.38 -5.55
CA VAL A 47 8.04 0.29 -6.42
C VAL A 47 6.85 -0.46 -5.83
N VAL A 48 5.80 -0.57 -6.66
CA VAL A 48 4.59 -1.31 -6.29
C VAL A 48 4.55 -2.59 -7.12
N LEU A 49 4.42 -3.74 -6.43
CA LEU A 49 4.25 -5.02 -7.09
C LEU A 49 2.95 -5.66 -6.62
N TYR A 50 2.35 -6.47 -7.49
CA TYR A 50 1.26 -7.34 -7.10
C TYR A 50 1.25 -8.59 -7.97
N ASP A 51 0.46 -9.57 -7.54
CA ASP A 51 0.25 -10.79 -8.31
C ASP A 51 -1.12 -10.74 -8.97
N LEU A 52 -1.17 -11.12 -10.24
CA LEU A 52 -2.44 -11.31 -10.94
C LEU A 52 -3.25 -12.36 -10.20
N VAL A 53 -4.59 -12.28 -10.29
CA VAL A 53 -5.46 -13.23 -9.63
C VAL A 53 -5.12 -14.68 -10.01
N CYS A 54 -4.62 -14.87 -11.23
CA CYS A 54 -4.30 -16.18 -11.76
C CYS A 54 -2.94 -16.74 -11.33
N ALA A 55 -2.15 -15.94 -10.61
CA ALA A 55 -0.84 -16.39 -10.14
C ALA A 55 -0.99 -17.51 -9.10
N GLY A 56 -0.08 -18.47 -9.17
CA GLY A 56 -0.06 -19.59 -8.24
C GLY A 56 0.26 -19.20 -6.80
N SER A 57 0.82 -17.99 -6.63
CA SER A 57 1.03 -17.40 -5.32
C SER A 57 -0.22 -16.78 -4.72
N VAL A 58 -1.32 -16.77 -5.48
CA VAL A 58 -2.60 -16.27 -5.01
C VAL A 58 -3.50 -17.46 -4.69
N ASN A 59 -4.31 -17.34 -3.63
CA ASN A 59 -5.25 -18.37 -3.27
C ASN A 59 -6.17 -18.63 -4.47
N PRO A 60 -6.19 -19.87 -5.01
CA PRO A 60 -6.95 -20.15 -6.22
C PRO A 60 -8.46 -19.95 -6.07
N ASP A 61 -8.96 -19.94 -4.83
CA ASP A 61 -10.35 -19.66 -4.57
C ASP A 61 -10.78 -18.25 -5.00
N TYR A 62 -9.82 -17.33 -5.13
CA TYR A 62 -10.09 -16.01 -5.66
C TYR A 62 -10.38 -16.00 -7.17
N PHE A 63 -9.93 -17.04 -7.88
CA PHE A 63 -10.13 -17.08 -9.32
C PHE A 63 -11.55 -17.54 -9.65
N ASP A 64 -12.43 -16.56 -9.88
CA ASP A 64 -13.81 -16.83 -10.26
C ASP A 64 -13.90 -17.02 -11.77
N PHE A 65 -14.13 -18.28 -12.19
CA PHE A 65 -14.28 -18.63 -13.59
C PHE A 65 -15.44 -17.87 -14.26
N ASN A 66 -16.46 -17.54 -13.47
CA ASN A 66 -17.61 -16.80 -13.95
C ASN A 66 -17.28 -15.34 -14.27
N ARG A 67 -16.27 -14.79 -13.58
CA ARG A 67 -15.92 -13.39 -13.69
C ARG A 67 -14.80 -13.14 -14.71
N TYR A 68 -13.70 -13.88 -14.60
CA TYR A 68 -12.51 -13.63 -15.40
C TYR A 68 -12.60 -14.28 -16.78
N THR A 69 -13.53 -13.76 -17.60
CA THR A 69 -13.79 -14.27 -18.93
C THR A 69 -13.15 -13.44 -20.03
N THR A 70 -12.81 -12.18 -19.70
CA THR A 70 -12.07 -11.31 -20.60
C THR A 70 -10.99 -10.58 -19.79
N LEU A 71 -10.26 -9.67 -20.44
CA LEU A 71 -9.24 -8.89 -19.76
C LEU A 71 -9.80 -7.80 -18.84
N ASP A 72 -11.07 -7.41 -19.05
CA ASP A 72 -11.63 -6.27 -18.34
C ASP A 72 -11.62 -6.41 -16.82
N PRO A 73 -12.02 -7.56 -16.23
CA PRO A 73 -11.91 -7.74 -14.78
C PRO A 73 -10.48 -7.66 -14.24
N TYR A 74 -9.50 -8.08 -15.06
CA TYR A 74 -8.09 -7.93 -14.70
C TYR A 74 -7.70 -6.46 -14.59
N VAL A 75 -8.23 -5.64 -15.53
CA VAL A 75 -8.00 -4.20 -15.52
C VAL A 75 -8.66 -3.58 -14.28
N ASP A 76 -9.88 -4.04 -13.96
CA ASP A 76 -10.58 -3.63 -12.76
C ASP A 76 -9.73 -3.87 -11.50
N ASP A 77 -9.09 -5.05 -11.44
CA ASP A 77 -8.22 -5.38 -10.32
C ASP A 77 -7.03 -4.43 -10.22
N LEU A 78 -6.36 -4.17 -11.35
CA LEU A 78 -5.23 -3.26 -11.38
C LEU A 78 -5.65 -1.88 -10.85
N LEU A 79 -6.73 -1.34 -11.40
CA LEU A 79 -7.19 0.00 -11.04
C LEU A 79 -7.68 0.05 -9.60
N ASN A 80 -8.31 -1.05 -9.14
CA ASN A 80 -8.71 -1.18 -7.76
C ASN A 80 -7.51 -1.08 -6.82
N ILE A 81 -6.41 -1.76 -7.18
CA ILE A 81 -5.18 -1.68 -6.40
C ILE A 81 -4.63 -0.26 -6.38
N VAL A 82 -4.59 0.37 -7.56
CA VAL A 82 -4.10 1.73 -7.71
C VAL A 82 -4.87 2.69 -6.80
N ASP A 83 -6.20 2.64 -6.90
CA ASP A 83 -7.07 3.51 -6.12
C ASP A 83 -7.00 3.19 -4.63
N SER A 84 -6.91 1.90 -4.29
CA SER A 84 -6.77 1.47 -2.91
C SER A 84 -5.48 1.95 -2.24
N LEU A 85 -4.44 2.15 -3.04
CA LEU A 85 -3.16 2.68 -2.54
C LEU A 85 -3.10 4.19 -2.62
N GLY A 86 -4.11 4.80 -3.25
CA GLY A 86 -4.18 6.25 -3.40
C GLY A 86 -3.19 6.81 -4.43
N ILE A 87 -2.78 5.95 -5.37
CA ILE A 87 -1.85 6.34 -6.41
C ILE A 87 -2.59 7.18 -7.45
N GLN A 88 -2.11 8.40 -7.70
CA GLN A 88 -2.68 9.29 -8.69
C GLN A 88 -1.82 9.37 -9.95
N ASN A 89 -0.52 9.10 -9.80
CA ASN A 89 0.41 9.09 -10.92
C ASN A 89 1.52 8.04 -10.74
N CYS A 90 1.79 7.27 -11.79
CA CYS A 90 2.87 6.30 -11.77
C CYS A 90 3.40 5.99 -13.16
N ALA A 91 4.60 5.41 -13.20
CA ALA A 91 5.11 4.75 -14.39
C ALA A 91 4.77 3.26 -14.26
N TYR A 92 4.34 2.66 -15.38
CA TYR A 92 3.85 1.28 -15.35
C TYR A 92 4.64 0.39 -16.31
N VAL A 93 5.21 -0.69 -15.76
CA VAL A 93 5.89 -1.70 -16.53
C VAL A 93 5.02 -2.96 -16.57
N GLY A 94 4.51 -3.28 -17.75
CA GLY A 94 3.68 -4.47 -17.95
C GLY A 94 4.35 -5.50 -18.85
N HIS A 95 4.41 -6.75 -18.35
CA HIS A 95 4.95 -7.86 -19.11
C HIS A 95 3.81 -8.77 -19.55
N SER A 96 3.82 -9.15 -20.84
CA SER A 96 2.90 -10.16 -21.35
C SER A 96 1.46 -9.69 -21.12
N VAL A 97 0.68 -10.45 -20.34
CA VAL A 97 -0.73 -10.13 -20.16
C VAL A 97 -0.88 -8.79 -19.45
N SER A 98 0.05 -8.46 -18.55
CA SER A 98 0.04 -7.16 -17.88
C SER A 98 0.30 -5.98 -18.80
N ALA A 99 0.96 -6.23 -19.94
CA ALA A 99 1.09 -5.21 -20.98
C ALA A 99 -0.27 -4.92 -21.62
N MET A 100 -1.03 -5.99 -21.89
CA MET A 100 -2.38 -5.87 -22.45
C MET A 100 -3.29 -5.14 -21.47
N ILE A 101 -3.17 -5.48 -20.18
CA ILE A 101 -3.95 -4.87 -19.12
C ILE A 101 -3.65 -3.38 -19.00
N GLY A 102 -2.36 -3.03 -19.06
CA GLY A 102 -1.94 -1.64 -18.98
C GLY A 102 -2.45 -0.76 -20.12
N ILE A 103 -2.50 -1.32 -21.34
CA ILE A 103 -3.03 -0.61 -22.49
C ILE A 103 -4.47 -0.19 -22.23
N ILE A 104 -5.29 -1.16 -21.80
CA ILE A 104 -6.70 -0.91 -21.55
C ILE A 104 -6.84 0.12 -20.42
N ALA A 105 -6.10 -0.12 -19.34
CA ALA A 105 -6.10 0.77 -18.18
C ALA A 105 -5.76 2.22 -18.54
N SER A 106 -4.79 2.41 -19.44
CA SER A 106 -4.36 3.75 -19.82
C SER A 106 -5.41 4.47 -20.68
N ILE A 107 -6.20 3.71 -21.44
CA ILE A 107 -7.30 4.28 -22.20
C ILE A 107 -8.40 4.74 -21.24
N ARG A 108 -8.75 3.89 -20.26
CA ARG A 108 -9.70 4.25 -19.22
C ARG A 108 -9.27 5.43 -18.37
N ARG A 109 -7.98 5.45 -18.00
CA ARG A 109 -7.43 6.41 -17.05
C ARG A 109 -6.14 7.04 -17.58
N PRO A 110 -6.20 7.88 -18.65
CA PRO A 110 -4.98 8.41 -19.26
C PRO A 110 -4.09 9.18 -18.29
N GLU A 111 -4.72 9.89 -17.34
CA GLU A 111 -4.00 10.74 -16.40
C GLU A 111 -3.17 9.98 -15.37
N LEU A 112 -3.45 8.68 -15.20
CA LEU A 112 -2.79 7.88 -14.20
C LEU A 112 -1.35 7.51 -14.56
N PHE A 113 -1.07 7.38 -15.86
CA PHE A 113 0.23 6.89 -16.32
C PHE A 113 1.07 7.96 -16.99
N SER A 114 2.23 8.25 -16.39
CA SER A 114 3.24 9.10 -16.99
C SER A 114 3.90 8.39 -18.17
N LYS A 115 4.06 7.07 -18.06
CA LYS A 115 4.63 6.28 -19.12
C LYS A 115 4.23 4.81 -19.02
N LEU A 116 3.97 4.19 -20.18
CA LEU A 116 3.78 2.76 -20.29
C LEU A 116 5.06 2.11 -20.82
N ILE A 117 5.56 1.12 -20.09
CA ILE A 117 6.66 0.29 -20.56
C ILE A 117 6.13 -1.12 -20.78
N LEU A 118 6.09 -1.55 -22.06
CA LEU A 118 5.46 -2.82 -22.42
C LEU A 118 6.50 -3.83 -22.90
N ILE A 119 6.56 -4.98 -22.22
CA ILE A 119 7.55 -6.01 -22.50
C ILE A 119 6.82 -7.27 -22.96
N GLY A 120 7.30 -7.84 -24.07
CA GLY A 120 6.70 -9.06 -24.62
C GLY A 120 5.21 -8.89 -24.90
N PHE A 121 4.87 -7.75 -25.51
CA PHE A 121 3.49 -7.32 -25.70
C PHE A 121 3.00 -7.64 -27.12
N SER A 122 1.84 -8.30 -27.19
CA SER A 122 1.13 -8.50 -28.44
C SER A 122 -0.32 -8.08 -28.32
N PRO A 123 -0.88 -7.35 -29.31
CA PRO A 123 -2.30 -7.02 -29.31
C PRO A 123 -3.20 -8.21 -29.71
N ARG A 124 -2.61 -9.20 -30.38
CA ARG A 124 -3.33 -10.38 -30.83
C ARG A 124 -2.37 -11.49 -31.20
N PHE A 125 -2.61 -12.69 -30.65
CA PHE A 125 -1.75 -13.85 -30.86
C PHE A 125 -2.17 -14.64 -32.10
N LEU A 126 -3.47 -14.76 -32.33
CA LEU A 126 -3.99 -15.49 -33.49
C LEU A 126 -3.73 -14.68 -34.77
N ASN A 127 -3.36 -15.41 -35.82
CA ASN A 127 -3.11 -14.79 -37.13
C ASN A 127 -4.44 -14.39 -37.76
N ASP A 128 -4.49 -13.24 -38.41
CA ASP A 128 -5.72 -12.79 -39.12
C ASP A 128 -5.31 -12.52 -40.56
N GLU A 129 -6.25 -12.13 -41.42
CA GLU A 129 -5.88 -11.75 -42.79
C GLU A 129 -4.99 -10.49 -42.71
N ASP A 130 -3.78 -10.57 -43.26
CA ASP A 130 -2.82 -9.43 -43.23
C ASP A 130 -2.34 -9.16 -41.80
N TYR A 131 -2.49 -10.12 -40.89
CA TYR A 131 -1.93 -9.93 -39.53
C TYR A 131 -1.23 -11.19 -39.07
N HIS A 132 0.06 -11.10 -38.81
CA HIS A 132 0.79 -12.25 -38.27
C HIS A 132 0.95 -12.10 -36.77
N GLY A 133 0.13 -12.85 -36.02
CA GLY A 133 0.21 -12.91 -34.57
C GLY A 133 1.10 -14.05 -34.07
N GLY A 134 1.24 -15.09 -34.88
CA GLY A 134 2.14 -16.19 -34.57
C GLY A 134 1.46 -17.53 -34.24
N PHE A 135 0.12 -17.53 -34.17
CA PHE A 135 -0.62 -18.73 -33.81
C PHE A 135 -1.84 -18.94 -34.70
N GLU A 136 -2.35 -20.17 -34.68
CA GLU A 136 -3.59 -20.54 -35.37
C GLU A 136 -4.51 -21.30 -34.43
N GLU A 137 -5.81 -21.30 -34.74
CA GLU A 137 -6.83 -21.81 -33.85
C GLU A 137 -6.66 -23.30 -33.56
N GLY A 138 -6.30 -24.07 -34.61
CA GLY A 138 -6.04 -25.49 -34.46
C GLY A 138 -4.85 -25.77 -33.54
N GLU A 139 -3.76 -25.03 -33.75
CA GLU A 139 -2.58 -25.13 -32.92
C GLU A 139 -2.93 -24.89 -31.46
N ILE A 140 -3.68 -23.82 -31.21
CA ILE A 140 -4.07 -23.43 -29.86
C ILE A 140 -4.92 -24.51 -29.18
N GLU A 141 -5.82 -25.15 -29.93
CA GLU A 141 -6.66 -26.21 -29.38
C GLU A 141 -5.85 -27.41 -28.92
N LYS A 142 -4.77 -27.75 -29.65
CA LYS A 142 -3.88 -28.82 -29.26
C LYS A 142 -3.09 -28.49 -27.99
N VAL A 143 -2.65 -27.24 -27.89
CA VAL A 143 -2.01 -26.75 -26.67
C VAL A 143 -2.94 -26.94 -25.47
N PHE A 144 -4.20 -26.54 -25.64
CA PHE A 144 -5.20 -26.65 -24.59
C PHE A 144 -5.46 -28.11 -24.20
N SER A 145 -5.44 -29.01 -25.19
CA SER A 145 -5.56 -30.44 -24.96
C SER A 145 -4.39 -31.02 -24.16
N ALA A 146 -3.18 -30.61 -24.55
CA ALA A 146 -1.96 -31.02 -23.84
C ALA A 146 -1.99 -30.51 -22.40
N MET A 147 -2.36 -29.25 -22.21
CA MET A 147 -2.45 -28.65 -20.89
C MET A 147 -3.43 -29.42 -20.00
N GLU A 148 -4.56 -29.82 -20.57
CA GLU A 148 -5.58 -30.56 -19.85
C GLU A 148 -5.13 -31.99 -19.56
N ALA A 149 -4.57 -32.67 -20.57
CA ALA A 149 -4.18 -34.07 -20.45
C ALA A 149 -3.04 -34.30 -19.47
N ASN A 150 -2.04 -33.42 -19.50
CA ASN A 150 -0.89 -33.53 -18.61
C ASN A 150 -0.19 -32.17 -18.54
N TYR A 151 -0.71 -31.31 -17.66
CA TYR A 151 -0.21 -29.96 -17.49
C TYR A 151 1.28 -29.91 -17.19
N GLU A 152 1.74 -30.85 -16.36
CA GLU A 152 3.10 -30.83 -15.85
C GLU A 152 4.11 -31.19 -16.94
N ALA A 153 3.75 -32.18 -17.78
CA ALA A 153 4.53 -32.50 -18.97
C ALA A 153 4.60 -31.30 -19.92
N TRP A 154 3.47 -30.61 -20.08
CA TRP A 154 3.42 -29.42 -20.93
C TRP A 154 4.38 -28.35 -20.43
N VAL A 155 4.32 -28.05 -19.12
CA VAL A 155 5.21 -27.08 -18.50
C VAL A 155 6.68 -27.45 -18.72
N HIS A 156 6.99 -28.73 -18.51
CA HIS A 156 8.34 -29.25 -18.66
C HIS A 156 8.92 -28.96 -20.05
N GLY A 157 8.11 -29.21 -21.09
CA GLY A 157 8.50 -28.90 -22.45
C GLY A 157 8.47 -27.40 -22.79
N PHE A 158 7.51 -26.67 -22.20
CA PHE A 158 7.29 -25.28 -22.56
C PHE A 158 8.28 -24.30 -21.93
N ALA A 159 8.55 -24.45 -20.63
CA ALA A 159 9.36 -23.48 -19.89
C ALA A 159 10.69 -23.15 -20.57
N PRO A 160 11.48 -24.14 -21.03
CA PRO A 160 12.73 -23.86 -21.74
C PRO A 160 12.53 -23.07 -23.04
N LEU A 161 11.51 -23.43 -23.82
CA LEU A 161 11.19 -22.71 -25.05
C LEU A 161 10.91 -21.24 -24.77
N ALA A 162 10.10 -20.98 -23.74
CA ALA A 162 9.66 -19.63 -23.41
C ALA A 162 10.80 -18.77 -22.88
N VAL A 163 11.68 -19.37 -22.06
CA VAL A 163 12.87 -18.69 -21.57
C VAL A 163 13.88 -18.49 -22.69
N GLY A 164 13.98 -19.48 -23.59
CA GLY A 164 14.62 -19.31 -24.89
C GLY A 164 16.14 -19.44 -24.85
N ALA A 165 16.78 -18.56 -24.08
CA ALA A 165 18.21 -18.61 -23.81
C ALA A 165 18.56 -19.73 -22.82
N ASP A 166 19.82 -20.20 -22.92
CA ASP A 166 20.31 -21.30 -22.12
C ASP A 166 20.72 -20.74 -20.75
N VAL A 167 19.71 -20.46 -19.92
CA VAL A 167 19.91 -19.96 -18.58
C VAL A 167 19.09 -20.88 -17.68
N PRO A 168 19.67 -22.00 -17.20
CA PRO A 168 18.94 -22.97 -16.39
C PRO A 168 18.22 -22.38 -15.18
N ALA A 169 18.88 -21.43 -14.49
CA ALA A 169 18.27 -20.75 -13.36
C ALA A 169 16.94 -20.11 -13.73
N ALA A 170 16.90 -19.45 -14.90
CA ALA A 170 15.69 -18.80 -15.37
C ALA A 170 14.60 -19.80 -15.71
N VAL A 171 14.97 -20.90 -16.39
CA VAL A 171 14.04 -21.98 -16.70
C VAL A 171 13.43 -22.58 -15.45
N ARG A 172 14.28 -22.89 -14.45
CA ARG A 172 13.82 -23.47 -13.21
C ARG A 172 12.81 -22.56 -12.52
N GLU A 173 13.08 -21.26 -12.49
CA GLU A 173 12.19 -20.29 -11.86
C GLU A 173 10.83 -20.22 -12.55
N PHE A 174 10.84 -20.13 -13.89
CA PHE A 174 9.61 -20.02 -14.65
C PHE A 174 8.77 -21.30 -14.54
N SER A 175 9.46 -22.45 -14.52
CA SER A 175 8.83 -23.73 -14.27
C SER A 175 8.13 -23.71 -12.91
N ARG A 176 8.83 -23.26 -11.87
CA ARG A 176 8.30 -23.22 -10.52
C ARG A 176 6.96 -22.49 -10.47
N THR A 177 6.90 -21.29 -11.04
CA THR A 177 5.71 -20.46 -10.96
C THR A 177 4.56 -20.97 -11.84
N LEU A 178 4.91 -21.68 -12.92
CA LEU A 178 3.92 -22.36 -13.74
C LEU A 178 3.30 -23.56 -13.01
N PHE A 179 4.15 -24.32 -12.31
CA PHE A 179 3.72 -25.47 -11.54
C PHE A 179 2.89 -25.07 -10.32
N ASN A 180 3.10 -23.84 -9.82
CA ASN A 180 2.31 -23.30 -8.73
C ASN A 180 0.88 -22.97 -9.12
N MET A 181 0.66 -22.70 -10.42
CA MET A 181 -0.67 -22.38 -10.91
C MET A 181 -1.52 -23.65 -10.97
N ARG A 182 -2.77 -23.54 -10.53
CA ARG A 182 -3.70 -24.65 -10.65
C ARG A 182 -3.94 -24.88 -12.14
N PRO A 183 -3.78 -26.13 -12.66
CA PRO A 183 -3.81 -26.39 -14.09
C PRO A 183 -5.01 -25.82 -14.83
N ASP A 184 -6.21 -25.94 -14.25
CA ASP A 184 -7.42 -25.46 -14.89
C ASP A 184 -7.43 -23.93 -15.02
N ILE A 185 -6.76 -23.25 -14.08
CA ILE A 185 -6.63 -21.80 -14.15
C ILE A 185 -5.69 -21.42 -15.29
N SER A 186 -4.53 -22.06 -15.36
CA SER A 186 -3.58 -21.81 -16.44
C SER A 186 -4.25 -21.95 -17.80
N LEU A 187 -5.00 -23.03 -17.99
CA LEU A 187 -5.71 -23.30 -19.23
C LEU A 187 -6.76 -22.22 -19.53
N PHE A 188 -7.55 -21.88 -18.51
CA PHE A 188 -8.62 -20.91 -18.67
C PHE A 188 -8.09 -19.52 -19.03
N VAL A 189 -7.01 -19.10 -18.35
CA VAL A 189 -6.37 -17.82 -18.61
C VAL A 189 -5.77 -17.78 -20.01
N SER A 190 -5.13 -18.89 -20.41
CA SER A 190 -4.59 -19.03 -21.76
C SER A 190 -5.67 -18.86 -22.82
N ARG A 191 -6.82 -19.52 -22.60
CA ARG A 191 -7.97 -19.38 -23.48
C ARG A 191 -8.41 -17.93 -23.58
N THR A 192 -8.52 -17.27 -22.42
CA THR A 192 -8.90 -15.87 -22.36
C THR A 192 -7.95 -15.01 -23.19
N VAL A 193 -6.65 -15.17 -22.95
CA VAL A 193 -5.65 -14.32 -23.58
C VAL A 193 -5.53 -14.57 -25.08
N PHE A 194 -5.54 -15.85 -25.49
CA PHE A 194 -5.43 -16.20 -26.89
C PHE A 194 -6.60 -15.68 -27.75
N ASN A 195 -7.76 -15.49 -27.13
CA ASN A 195 -8.94 -14.99 -27.83
C ASN A 195 -9.19 -13.50 -27.60
N SER A 196 -8.17 -12.78 -27.11
CA SER A 196 -8.24 -11.33 -26.96
C SER A 196 -7.71 -10.66 -28.22
N ASP A 197 -8.11 -9.39 -28.42
CA ASP A 197 -7.70 -8.62 -29.57
C ASP A 197 -7.81 -7.14 -29.23
N LEU A 198 -6.65 -6.48 -29.10
CA LEU A 198 -6.58 -5.06 -28.75
C LEU A 198 -6.26 -4.18 -29.95
N ARG A 199 -6.15 -4.78 -31.15
CA ARG A 199 -5.81 -4.03 -32.35
C ARG A 199 -6.75 -2.85 -32.59
N GLY A 200 -8.02 -3.03 -32.23
CA GLY A 200 -9.03 -2.00 -32.42
C GLY A 200 -8.89 -0.76 -31.53
N VAL A 201 -8.19 -0.89 -30.40
CA VAL A 201 -8.09 0.20 -29.43
C VAL A 201 -6.70 0.81 -29.30
N LEU A 202 -5.71 0.29 -30.04
CA LEU A 202 -4.35 0.82 -29.99
C LEU A 202 -4.27 2.31 -30.33
N GLY A 203 -5.11 2.75 -31.29
CA GLY A 203 -5.14 4.14 -31.72
C GLY A 203 -5.63 5.10 -30.63
N LEU A 204 -6.39 4.58 -29.66
CA LEU A 204 -6.93 5.37 -28.56
C LEU A 204 -5.93 5.66 -27.45
N VAL A 205 -4.78 4.97 -27.47
CA VAL A 205 -3.73 5.19 -26.48
C VAL A 205 -3.16 6.60 -26.66
N ARG A 206 -3.12 7.36 -25.56
CA ARG A 206 -2.60 8.73 -25.55
C ARG A 206 -1.33 8.88 -24.73
N VAL A 207 -1.06 7.94 -23.83
CA VAL A 207 0.06 8.04 -22.91
C VAL A 207 1.36 7.68 -23.64
N PRO A 208 2.50 8.33 -23.31
CA PRO A 208 3.78 7.92 -23.87
C PRO A 208 4.09 6.45 -23.60
N THR A 209 4.59 5.75 -24.63
CA THR A 209 4.75 4.31 -24.56
C THR A 209 6.11 3.85 -25.07
N CYS A 210 6.79 3.02 -24.28
CA CYS A 210 7.96 2.29 -24.74
C CYS A 210 7.63 0.81 -24.85
N VAL A 211 7.76 0.27 -26.06
CA VAL A 211 7.60 -1.16 -26.31
C VAL A 211 9.00 -1.79 -26.34
N ILE A 212 9.21 -2.75 -25.44
CA ILE A 212 10.43 -3.54 -25.44
C ILE A 212 10.10 -4.93 -25.96
N GLN A 213 10.49 -5.18 -27.22
CA GLN A 213 10.39 -6.49 -27.85
C GLN A 213 11.67 -7.27 -27.56
N THR A 214 11.56 -8.60 -27.43
CA THR A 214 12.73 -9.46 -27.31
C THR A 214 13.10 -10.03 -28.67
N ALA A 215 14.30 -10.61 -28.76
CA ALA A 215 14.86 -11.07 -30.01
C ALA A 215 14.09 -12.23 -30.63
N LYS A 216 13.69 -13.20 -29.80
CA LYS A 216 12.97 -14.37 -30.28
C LYS A 216 11.97 -14.83 -29.24
N ASP A 217 10.80 -14.17 -29.21
CA ASP A 217 9.72 -14.52 -28.30
C ASP A 217 8.80 -15.53 -28.96
N VAL A 218 8.59 -16.68 -28.30
CA VAL A 218 7.66 -17.69 -28.78
C VAL A 218 6.23 -17.16 -28.88
N SER A 219 5.89 -16.13 -28.09
CA SER A 219 4.55 -15.58 -28.08
C SER A 219 4.38 -14.34 -28.94
N VAL A 220 5.49 -13.76 -29.42
CA VAL A 220 5.44 -12.48 -30.12
C VAL A 220 6.40 -12.43 -31.31
N PRO A 221 5.90 -12.59 -32.56
CA PRO A 221 6.71 -12.38 -33.75
C PRO A 221 7.37 -11.00 -33.78
N ALA A 222 8.51 -10.90 -34.47
CA ALA A 222 9.24 -9.65 -34.63
C ALA A 222 8.42 -8.60 -35.37
N SER A 223 7.55 -9.04 -36.29
CA SER A 223 6.68 -8.17 -37.05
C SER A 223 5.69 -7.35 -36.21
N VAL A 224 5.35 -7.85 -35.02
CA VAL A 224 4.44 -7.16 -34.11
C VAL A 224 5.00 -5.81 -33.65
N ALA A 225 6.32 -5.72 -33.50
CA ALA A 225 6.97 -4.49 -33.09
C ALA A 225 6.62 -3.33 -34.02
N GLU A 226 6.85 -3.55 -35.32
CA GLU A 226 6.57 -2.55 -36.35
C GLU A 226 5.08 -2.23 -36.43
N TYR A 227 4.23 -3.26 -36.23
CA TYR A 227 2.79 -3.07 -36.22
C TYR A 227 2.40 -2.08 -35.13
N LEU A 228 2.97 -2.28 -33.93
CA LEU A 228 2.68 -1.41 -32.80
C LEU A 228 3.16 0.02 -33.02
N ARG A 229 4.30 0.17 -33.72
CA ARG A 229 4.82 1.49 -34.04
C ARG A 229 3.82 2.24 -34.92
N SER A 230 3.22 1.50 -35.87
CA SER A 230 2.28 2.06 -36.82
C SER A 230 0.93 2.42 -36.20
N HIS A 231 0.51 1.65 -35.18
CA HIS A 231 -0.86 1.67 -34.72
C HIS A 231 -1.12 2.30 -33.35
N LEU A 232 -0.08 2.36 -32.49
CA LEU A 232 -0.21 2.99 -31.18
C LEU A 232 -0.39 4.50 -31.30
N GLY A 233 -1.41 5.03 -30.60
CA GLY A 233 -1.82 6.41 -30.75
C GLY A 233 -0.94 7.43 -30.03
N GLY A 234 -0.32 7.01 -28.92
CA GLY A 234 0.53 7.90 -28.15
C GLY A 234 1.89 8.11 -28.79
N ASP A 235 2.69 8.97 -28.16
CA ASP A 235 4.10 9.11 -28.50
C ASP A 235 4.80 7.80 -28.14
N THR A 236 5.12 7.01 -29.16
CA THR A 236 5.55 5.63 -28.96
C THR A 236 6.99 5.42 -29.42
N THR A 237 7.73 4.60 -28.66
CA THR A 237 9.04 4.12 -29.05
C THR A 237 9.03 2.59 -28.99
N VAL A 238 9.70 1.97 -29.97
CA VAL A 238 9.88 0.53 -30.01
C VAL A 238 11.38 0.24 -29.96
N GLU A 239 11.75 -0.69 -29.07
CA GLU A 239 13.14 -1.11 -28.92
C GLU A 239 13.20 -2.62 -28.80
N THR A 240 14.31 -3.20 -29.27
CA THR A 240 14.51 -4.64 -29.28
C THR A 240 15.73 -5.01 -28.43
N LEU A 241 15.51 -5.88 -27.45
CA LEU A 241 16.60 -6.49 -26.70
C LEU A 241 17.42 -7.41 -27.60
N LYS A 242 18.70 -7.55 -27.28
CA LYS A 242 19.58 -8.43 -28.04
C LYS A 242 19.46 -9.87 -27.55
N THR A 243 19.17 -10.04 -26.26
CA THR A 243 18.92 -11.36 -25.70
C THR A 243 17.60 -11.95 -26.19
N GLU A 244 17.56 -13.28 -26.34
CA GLU A 244 16.38 -14.00 -26.77
C GLU A 244 15.58 -14.50 -25.57
N GLY A 245 14.28 -14.68 -25.76
CA GLY A 245 13.40 -15.26 -24.75
C GLY A 245 12.26 -14.34 -24.33
N HIS A 246 11.22 -14.94 -23.75
CA HIS A 246 10.03 -14.22 -23.33
C HIS A 246 10.19 -13.53 -21.99
N LEU A 247 11.19 -13.97 -21.21
CA LEU A 247 11.36 -13.54 -19.83
C LEU A 247 12.72 -12.88 -19.58
N PRO A 248 12.97 -11.68 -20.17
CA PRO A 248 14.26 -11.02 -19.99
C PRO A 248 14.58 -10.68 -18.54
N GLN A 249 13.53 -10.41 -17.73
CA GLN A 249 13.72 -10.05 -16.33
C GLN A 249 14.34 -11.19 -15.50
N LEU A 250 14.23 -12.43 -16.00
CA LEU A 250 14.87 -13.58 -15.38
C LEU A 250 16.17 -13.98 -16.07
N SER A 251 16.19 -13.92 -17.42
CA SER A 251 17.29 -14.45 -18.19
C SER A 251 18.38 -13.42 -18.51
N ALA A 252 17.99 -12.15 -18.62
CA ALA A 252 18.92 -11.07 -18.93
C ALA A 252 18.61 -9.81 -18.13
N PRO A 253 18.63 -9.88 -16.77
CA PRO A 253 18.16 -8.77 -15.95
C PRO A 253 18.98 -7.48 -16.10
N ALA A 254 20.29 -7.63 -16.32
CA ALA A 254 21.17 -6.47 -16.48
C ALA A 254 20.78 -5.66 -17.71
N GLN A 255 20.51 -6.35 -18.82
CA GLN A 255 20.18 -5.71 -20.09
C GLN A 255 18.80 -5.06 -20.02
N LEU A 256 17.83 -5.76 -19.43
CA LEU A 256 16.50 -5.23 -19.28
C LEU A 256 16.52 -3.98 -18.40
N ALA A 257 17.21 -4.08 -17.25
CA ALA A 257 17.38 -2.95 -16.34
C ALA A 257 17.93 -1.72 -17.04
N GLN A 258 18.92 -1.92 -17.92
CA GLN A 258 19.49 -0.84 -18.70
C GLN A 258 18.45 -0.14 -19.57
N PHE A 259 17.65 -0.95 -20.30
CA PHE A 259 16.60 -0.42 -21.16
C PHE A 259 15.58 0.35 -20.34
N LEU A 260 15.16 -0.23 -19.21
CA LEU A 260 14.20 0.40 -18.32
C LEU A 260 14.72 1.74 -17.80
N ARG A 261 16.00 1.71 -17.36
CA ARG A 261 16.63 2.86 -16.74
C ARG A 261 16.57 4.10 -17.62
N ARG A 262 16.72 3.92 -18.94
CA ARG A 262 16.68 5.06 -19.84
C ARG A 262 15.28 5.38 -20.36
N ALA A 263 14.35 4.43 -20.24
CA ALA A 263 12.97 4.63 -20.68
C ALA A 263 12.09 5.26 -19.61
N LEU A 264 12.41 5.00 -18.34
CA LEU A 264 11.60 5.49 -17.24
C LEU A 264 11.72 7.00 -17.02
N PRO A 265 10.59 7.70 -16.73
CA PRO A 265 10.64 9.06 -16.21
C PRO A 265 11.39 9.17 -14.90
N ASN B 4 3.46 -7.56 33.07
CA ASN B 4 2.26 -8.29 32.67
C ASN B 4 1.48 -7.49 31.64
N ILE B 5 1.18 -6.23 31.98
CA ILE B 5 0.76 -5.26 30.98
C ILE B 5 1.86 -5.03 29.94
N LEU B 6 3.11 -5.16 30.38
CA LEU B 6 4.27 -5.02 29.52
C LEU B 6 4.25 -6.02 28.36
N GLU B 7 3.88 -7.28 28.65
CA GLU B 7 3.76 -8.28 27.61
C GLU B 7 2.44 -8.12 26.84
N ALA B 8 1.36 -7.86 27.58
CA ALA B 8 0.03 -7.76 26.99
C ALA B 8 -0.07 -6.68 25.92
N LEU B 9 0.59 -5.55 26.17
CA LEU B 9 0.55 -4.42 25.25
C LEU B 9 1.87 -4.24 24.49
N ASN B 10 2.65 -5.32 24.36
CA ASN B 10 3.82 -5.36 23.51
C ASN B 10 4.77 -4.18 23.74
N VAL B 11 5.10 -3.94 25.01
CA VAL B 11 6.01 -2.85 25.35
C VAL B 11 7.42 -3.22 24.91
N ARG B 12 8.04 -2.32 24.13
CA ARG B 12 9.43 -2.43 23.76
C ARG B 12 10.19 -1.18 24.21
N VAL B 13 11.41 -1.39 24.69
CA VAL B 13 12.30 -0.30 25.05
C VAL B 13 13.57 -0.48 24.22
N VAL B 14 13.91 0.56 23.43
CA VAL B 14 15.02 0.50 22.51
C VAL B 14 15.83 1.78 22.59
N GLY B 15 17.07 1.70 22.12
CA GLY B 15 17.96 2.84 22.05
C GLY B 15 18.84 2.99 23.30
N THR B 16 19.57 4.11 23.34
CA THR B 16 20.35 4.51 24.49
C THR B 16 20.30 6.03 24.56
N GLY B 17 20.21 6.55 25.79
CA GLY B 17 20.11 7.99 26.00
C GLY B 17 19.62 8.33 27.41
N ASP B 18 19.77 9.61 27.79
CA ASP B 18 19.28 10.09 29.07
C ASP B 18 17.78 10.34 29.02
N ARG B 19 17.31 10.93 27.91
CA ARG B 19 15.91 11.22 27.73
C ARG B 19 15.15 9.95 27.36
N ILE B 20 14.10 9.66 28.13
CA ILE B 20 13.10 8.67 27.75
C ILE B 20 12.14 9.32 26.77
N LEU B 21 12.05 8.73 25.56
CA LEU B 21 11.12 9.18 24.55
C LEU B 21 10.01 8.13 24.41
N PHE B 22 8.76 8.59 24.62
CA PHE B 22 7.61 7.70 24.61
C PHE B 22 6.84 7.94 23.31
N LEU B 23 6.72 6.89 22.49
CA LEU B 23 6.01 6.96 21.23
C LEU B 23 4.70 6.16 21.32
N ALA B 24 3.57 6.88 21.26
CA ALA B 24 2.26 6.29 21.46
C ALA B 24 1.36 6.48 20.24
N HIS B 25 0.97 5.37 19.62
CA HIS B 25 0.26 5.38 18.35
C HIS B 25 -1.23 5.67 18.54
N GLY B 26 -1.92 5.93 17.43
CA GLY B 26 -3.33 6.26 17.43
C GLY B 26 -4.24 5.21 16.80
N PHE B 27 -5.46 5.63 16.46
CA PHE B 27 -6.49 4.74 15.95
C PHE B 27 -6.12 4.10 14.62
N GLY B 28 -6.31 2.78 14.54
CA GLY B 28 -6.16 2.05 13.29
C GLY B 28 -4.74 1.52 13.03
N THR B 29 -3.79 1.95 13.86
CA THR B 29 -2.40 1.54 13.71
C THR B 29 -1.95 0.80 14.96
N ASP B 30 -0.67 0.41 14.97
CA ASP B 30 0.02 -0.05 16.16
C ASP B 30 1.40 0.63 16.17
N GLN B 31 2.29 0.19 17.07
CA GLN B 31 3.58 0.83 17.24
C GLN B 31 4.48 0.72 16.02
N SER B 32 4.16 -0.19 15.09
CA SER B 32 4.93 -0.33 13.86
C SER B 32 4.87 0.93 13.00
N ALA B 33 3.86 1.78 13.26
CA ALA B 33 3.75 3.08 12.61
C ALA B 33 4.95 4.00 12.85
N TRP B 34 5.69 3.74 13.94
CA TRP B 34 6.86 4.54 14.30
C TRP B 34 8.19 4.04 13.71
N HIS B 35 8.13 2.95 12.94
CA HIS B 35 9.35 2.24 12.56
C HIS B 35 10.26 3.02 11.60
N LEU B 36 9.68 3.94 10.82
CA LEU B 36 10.46 4.75 9.90
C LEU B 36 11.17 5.91 10.61
N ILE B 37 10.57 6.40 11.70
CA ILE B 37 11.17 7.50 12.45
C ILE B 37 12.11 7.03 13.54
N LEU B 38 11.97 5.77 13.98
CA LEU B 38 12.68 5.25 15.14
C LEU B 38 14.19 5.36 15.02
N PRO B 39 14.80 5.05 13.85
CA PRO B 39 16.26 5.14 13.69
C PRO B 39 16.83 6.55 13.86
N TYR B 40 15.97 7.57 13.70
CA TYR B 40 16.39 8.95 13.92
C TYR B 40 16.66 9.29 15.38
N PHE B 41 16.19 8.45 16.31
CA PHE B 41 16.21 8.80 17.72
C PHE B 41 16.90 7.79 18.65
N THR B 42 17.13 6.57 18.18
CA THR B 42 17.57 5.50 19.05
C THR B 42 19.03 5.61 19.50
N GLN B 43 19.83 6.44 18.81
CA GLN B 43 21.20 6.69 19.23
C GLN B 43 21.28 7.66 20.40
N ASN B 44 20.32 8.58 20.49
CA ASN B 44 20.35 9.65 21.47
C ASN B 44 19.24 9.59 22.53
N TYR B 45 18.24 8.72 22.30
CA TYR B 45 17.10 8.60 23.19
C TYR B 45 16.88 7.14 23.61
N ARG B 46 16.32 6.97 24.80
CA ARG B 46 15.78 5.70 25.25
C ARG B 46 14.30 5.68 24.88
N VAL B 47 13.94 4.87 23.88
CA VAL B 47 12.62 4.94 23.27
C VAL B 47 11.72 3.83 23.81
N VAL B 48 10.56 4.22 24.33
CA VAL B 48 9.55 3.28 24.79
C VAL B 48 8.37 3.30 23.81
N LEU B 49 8.00 2.12 23.30
CA LEU B 49 6.82 1.96 22.47
C LEU B 49 5.88 0.95 23.12
N TYR B 50 4.58 1.10 22.85
CA TYR B 50 3.60 0.09 23.20
C TYR B 50 2.41 0.16 22.25
N ASP B 51 1.57 -0.88 22.30
CA ASP B 51 0.35 -0.92 21.54
C ASP B 51 -0.83 -0.65 22.47
N LEU B 52 -1.77 0.19 22.01
CA LEU B 52 -3.03 0.36 22.70
C LEU B 52 -3.75 -0.97 22.75
N VAL B 53 -4.60 -1.17 23.77
CA VAL B 53 -5.33 -2.40 23.94
C VAL B 53 -6.15 -2.74 22.70
N CYS B 54 -6.57 -1.71 21.96
CA CYS B 54 -7.40 -1.86 20.78
C CYS B 54 -6.64 -2.21 19.50
N ALA B 55 -5.31 -2.23 19.55
CA ALA B 55 -4.51 -2.56 18.39
C ALA B 55 -4.71 -4.02 17.99
N GLY B 56 -4.74 -4.27 16.68
CA GLY B 56 -4.87 -5.61 16.14
C GLY B 56 -3.68 -6.52 16.44
N SER B 57 -2.55 -5.90 16.82
CA SER B 57 -1.38 -6.62 17.29
C SER B 57 -1.48 -7.06 18.76
N VAL B 58 -2.56 -6.66 19.44
CA VAL B 58 -2.82 -7.08 20.81
C VAL B 58 -3.88 -8.18 20.79
N ASN B 59 -3.71 -9.17 21.69
CA ASN B 59 -4.68 -10.24 21.81
C ASN B 59 -6.04 -9.62 22.10
N PRO B 60 -7.06 -9.84 21.23
CA PRO B 60 -8.35 -9.18 21.38
C PRO B 60 -9.09 -9.55 22.66
N ASP B 61 -8.71 -10.67 23.30
CA ASP B 61 -9.27 -11.06 24.58
C ASP B 61 -8.98 -10.05 25.69
N TYR B 62 -7.93 -9.23 25.51
CA TYR B 62 -7.66 -8.15 26.44
C TYR B 62 -8.63 -6.98 26.32
N PHE B 63 -9.31 -6.84 25.17
CA PHE B 63 -10.22 -5.72 24.98
C PHE B 63 -11.56 -6.02 25.66
N ASP B 64 -11.69 -5.54 26.89
CA ASP B 64 -12.92 -5.72 27.66
C ASP B 64 -13.88 -4.58 27.34
N PHE B 65 -14.95 -4.91 26.60
CA PHE B 65 -15.98 -3.94 26.26
C PHE B 65 -16.64 -3.31 27.49
N ASN B 66 -16.67 -4.06 28.60
CA ASN B 66 -17.22 -3.57 29.85
C ASN B 66 -16.34 -2.50 30.50
N ARG B 67 -15.03 -2.56 30.23
CA ARG B 67 -14.05 -1.67 30.84
C ARG B 67 -13.77 -0.42 30.00
N TYR B 68 -13.45 -0.63 28.72
CA TYR B 68 -12.97 0.45 27.87
C TYR B 68 -14.12 1.28 27.28
N THR B 69 -14.86 1.96 28.16
CA THR B 69 -16.03 2.75 27.78
C THR B 69 -15.73 4.24 27.65
N THR B 70 -14.65 4.70 28.28
CA THR B 70 -14.17 6.07 28.15
C THR B 70 -12.65 6.01 27.98
N LEU B 71 -12.03 7.19 27.88
CA LEU B 71 -10.58 7.29 27.76
C LEU B 71 -9.82 6.94 29.05
N ASP B 72 -10.50 7.01 30.20
CA ASP B 72 -9.84 6.89 31.48
C ASP B 72 -9.09 5.57 31.68
N PRO B 73 -9.69 4.39 31.35
CA PRO B 73 -8.94 3.13 31.42
C PRO B 73 -7.71 3.08 30.51
N TYR B 74 -7.77 3.75 29.36
CA TYR B 74 -6.62 3.87 28.48
C TYR B 74 -5.48 4.63 29.16
N VAL B 75 -5.84 5.69 29.89
CA VAL B 75 -4.87 6.48 30.64
C VAL B 75 -4.27 5.63 31.76
N ASP B 76 -5.12 4.86 32.43
CA ASP B 76 -4.69 3.91 33.45
C ASP B 76 -3.63 2.95 32.90
N ASP B 77 -3.86 2.43 31.69
CA ASP B 77 -2.91 1.55 31.03
C ASP B 77 -1.56 2.24 30.78
N LEU B 78 -1.61 3.45 30.21
CA LEU B 78 -0.40 4.22 29.96
C LEU B 78 0.41 4.40 31.25
N LEU B 79 -0.26 4.87 32.31
CA LEU B 79 0.41 5.16 33.56
C LEU B 79 0.91 3.88 34.24
N ASN B 80 0.15 2.80 34.10
CA ASN B 80 0.58 1.50 34.57
C ASN B 80 1.89 1.06 33.91
N ILE B 81 2.01 1.27 32.60
CA ILE B 81 3.25 0.89 31.88
C ILE B 81 4.40 1.77 32.39
N VAL B 82 4.15 3.06 32.54
CA VAL B 82 5.21 4.02 32.97
C VAL B 82 5.76 3.58 34.33
N ASP B 83 4.86 3.36 35.30
CA ASP B 83 5.28 2.96 36.66
C ASP B 83 5.97 1.60 36.61
N SER B 84 5.41 0.67 35.84
CA SER B 84 5.99 -0.69 35.74
C SER B 84 7.43 -0.60 35.20
N LEU B 85 7.70 0.38 34.35
CA LEU B 85 9.05 0.56 33.82
C LEU B 85 9.92 1.42 34.73
N GLY B 86 9.30 2.04 35.74
CA GLY B 86 10.01 2.92 36.66
C GLY B 86 10.38 4.26 36.05
N ILE B 87 9.63 4.67 35.03
CA ILE B 87 9.84 5.96 34.38
C ILE B 87 9.32 7.07 35.29
N GLN B 88 10.19 8.03 35.60
CA GLN B 88 9.86 9.17 36.43
C GLN B 88 9.68 10.44 35.59
N ASN B 89 10.38 10.50 34.44
CA ASN B 89 10.28 11.61 33.52
C ASN B 89 10.50 11.14 32.09
N CYS B 90 9.66 11.63 31.17
CA CYS B 90 9.82 11.36 29.75
C CYS B 90 9.28 12.49 28.89
N ALA B 91 9.70 12.50 27.62
CA ALA B 91 9.02 13.25 26.58
C ALA B 91 8.06 12.29 25.90
N TYR B 92 6.83 12.76 25.66
CA TYR B 92 5.76 11.90 25.20
C TYR B 92 5.20 12.41 23.87
N VAL B 93 5.24 11.52 22.87
CA VAL B 93 4.68 11.79 21.55
C VAL B 93 3.41 10.96 21.41
N GLY B 94 2.26 11.66 21.37
CA GLY B 94 0.96 11.04 21.22
C GLY B 94 0.31 11.40 19.89
N HIS B 95 -0.10 10.37 19.14
CA HIS B 95 -0.79 10.53 17.87
C HIS B 95 -2.26 10.17 18.05
N SER B 96 -3.15 11.05 17.56
CA SER B 96 -4.57 10.74 17.50
C SER B 96 -5.09 10.46 18.91
N VAL B 97 -5.60 9.25 19.16
CA VAL B 97 -6.19 8.92 20.44
C VAL B 97 -5.16 9.00 21.56
N SER B 98 -3.90 8.65 21.26
CA SER B 98 -2.82 8.75 22.22
C SER B 98 -2.47 10.19 22.62
N ALA B 99 -2.80 11.15 21.75
CA ALA B 99 -2.70 12.55 22.09
C ALA B 99 -3.70 12.93 23.18
N MET B 100 -4.93 12.43 23.02
CA MET B 100 -6.00 12.65 23.99
C MET B 100 -5.65 12.00 25.32
N ILE B 101 -5.09 10.78 25.25
CA ILE B 101 -4.66 10.04 26.43
C ILE B 101 -3.57 10.78 27.19
N GLY B 102 -2.58 11.30 26.44
CA GLY B 102 -1.49 12.06 27.02
C GLY B 102 -1.92 13.34 27.74
N ILE B 103 -2.91 14.04 27.18
CA ILE B 103 -3.45 15.24 27.81
C ILE B 103 -3.98 14.91 29.20
N ILE B 104 -4.82 13.87 29.28
CA ILE B 104 -5.43 13.48 30.54
C ILE B 104 -4.33 13.04 31.52
N ALA B 105 -3.42 12.20 31.03
CA ALA B 105 -2.29 11.72 31.82
C ALA B 105 -1.46 12.85 32.41
N SER B 106 -1.23 13.92 31.63
CA SER B 106 -0.41 15.03 32.09
C SER B 106 -1.11 15.87 33.16
N ILE B 107 -2.45 15.91 33.11
CA ILE B 107 -3.22 16.57 34.17
C ILE B 107 -3.12 15.78 35.46
N ARG B 108 -3.30 14.46 35.38
CA ARG B 108 -3.12 13.57 36.52
C ARG B 108 -1.71 13.59 37.10
N ARG B 109 -0.71 13.59 36.21
CA ARG B 109 0.69 13.45 36.60
C ARG B 109 1.56 14.50 35.91
N PRO B 110 1.44 15.79 36.29
CA PRO B 110 2.20 16.84 35.58
C PRO B 110 3.71 16.63 35.58
N GLU B 111 4.23 16.07 36.68
CA GLU B 111 5.66 15.88 36.86
C GLU B 111 6.28 14.84 35.93
N LEU B 112 5.44 13.97 35.36
CA LEU B 112 5.91 12.88 34.52
C LEU B 112 6.40 13.32 33.15
N PHE B 113 5.84 14.41 32.63
CA PHE B 113 6.13 14.86 31.27
C PHE B 113 6.95 16.14 31.22
N SER B 114 8.17 16.03 30.66
CA SER B 114 8.97 17.20 30.33
C SER B 114 8.36 17.95 29.15
N LYS B 115 7.74 17.20 28.23
CA LYS B 115 7.16 17.77 27.03
C LYS B 115 6.07 16.84 26.47
N LEU B 116 4.96 17.44 26.03
CA LEU B 116 3.94 16.74 25.28
C LEU B 116 4.09 17.11 23.81
N ILE B 117 4.23 16.10 22.94
CA ILE B 117 4.20 16.31 21.50
C ILE B 117 2.95 15.64 20.95
N LEU B 118 2.02 16.47 20.45
CA LEU B 118 0.70 15.99 20.06
C LEU B 118 0.50 16.09 18.55
N ILE B 119 0.25 14.94 17.91
CA ILE B 119 0.12 14.85 16.47
C ILE B 119 -1.30 14.43 16.11
N GLY B 120 -1.93 15.19 15.19
CA GLY B 120 -3.30 14.90 14.78
C GLY B 120 -4.25 14.88 15.97
N PHE B 121 -4.10 15.88 16.85
CA PHE B 121 -4.83 15.95 18.09
C PHE B 121 -6.05 16.86 17.98
N SER B 122 -7.21 16.34 18.41
CA SER B 122 -8.42 17.12 18.56
C SER B 122 -9.04 16.89 19.94
N PRO B 123 -9.48 17.97 20.63
CA PRO B 123 -10.17 17.81 21.91
C PRO B 123 -11.62 17.36 21.76
N ARG B 124 -12.18 17.55 20.55
CA ARG B 124 -13.55 17.16 20.26
C ARG B 124 -13.77 17.12 18.75
N PHE B 125 -14.32 16.00 18.27
CA PHE B 125 -14.55 15.79 16.85
C PHE B 125 -15.90 16.33 16.39
N LEU B 126 -16.92 16.16 17.25
CA LEU B 126 -18.26 16.69 16.97
C LEU B 126 -18.27 18.22 17.03
N ASN B 127 -18.97 18.83 16.07
CA ASN B 127 -19.16 20.27 16.08
C ASN B 127 -20.02 20.70 17.27
N ASP B 128 -19.97 22.00 17.58
CA ASP B 128 -20.74 22.58 18.66
C ASP B 128 -20.90 24.06 18.33
N GLU B 129 -21.67 24.80 19.14
CA GLU B 129 -21.87 26.22 18.92
C GLU B 129 -20.52 26.94 18.91
N ASP B 130 -20.19 27.54 17.76
CA ASP B 130 -18.93 28.25 17.54
C ASP B 130 -17.68 27.40 17.66
N TYR B 131 -17.84 26.07 17.62
CA TYR B 131 -16.72 25.14 17.64
C TYR B 131 -16.82 24.18 16.46
N HIS B 132 -15.81 24.22 15.60
CA HIS B 132 -15.76 23.34 14.44
C HIS B 132 -14.80 22.18 14.72
N GLY B 133 -15.38 21.01 15.01
CA GLY B 133 -14.64 19.77 15.22
C GLY B 133 -14.47 18.96 13.94
N GLY B 134 -15.43 19.12 13.01
CA GLY B 134 -15.35 18.50 11.69
C GLY B 134 -16.40 17.42 11.44
N PHE B 135 -17.21 17.09 12.45
CA PHE B 135 -18.20 16.02 12.34
C PHE B 135 -19.53 16.41 12.96
N GLU B 136 -20.58 15.68 12.57
CA GLU B 136 -21.92 15.84 13.13
C GLU B 136 -22.49 14.46 13.52
N GLU B 137 -23.46 14.46 14.43
CA GLU B 137 -23.95 13.23 15.04
C GLU B 137 -24.56 12.26 14.02
N GLY B 138 -25.31 12.82 13.07
CA GLY B 138 -25.91 12.02 12.01
C GLY B 138 -24.87 11.36 11.13
N GLU B 139 -23.88 12.16 10.72
CA GLU B 139 -22.74 11.69 9.94
C GLU B 139 -22.05 10.51 10.65
N ILE B 140 -21.78 10.70 11.94
CA ILE B 140 -21.07 9.68 12.72
C ILE B 140 -21.85 8.38 12.83
N GLU B 141 -23.18 8.48 12.95
CA GLU B 141 -24.02 7.30 13.02
C GLU B 141 -23.98 6.47 11.74
N LYS B 142 -23.90 7.15 10.58
CA LYS B 142 -23.77 6.48 9.30
C LYS B 142 -22.42 5.77 9.16
N VAL B 143 -21.35 6.43 9.64
CA VAL B 143 -20.03 5.82 9.67
C VAL B 143 -20.06 4.52 10.49
N PHE B 144 -20.70 4.58 11.66
CA PHE B 144 -20.83 3.42 12.52
C PHE B 144 -21.61 2.29 11.87
N SER B 145 -22.66 2.66 11.13
CA SER B 145 -23.45 1.69 10.37
C SER B 145 -22.64 1.01 9.27
N ALA B 146 -21.86 1.81 8.53
CA ALA B 146 -21.00 1.31 7.48
C ALA B 146 -19.95 0.36 8.05
N MET B 147 -19.33 0.78 9.16
CA MET B 147 -18.30 -0.02 9.82
C MET B 147 -18.86 -1.38 10.24
N GLU B 148 -20.09 -1.37 10.77
CA GLU B 148 -20.75 -2.60 11.22
C GLU B 148 -21.19 -3.47 10.05
N ALA B 149 -21.81 -2.85 9.04
CA ALA B 149 -22.39 -3.56 7.91
C ALA B 149 -21.34 -4.22 7.02
N ASN B 150 -20.23 -3.52 6.79
CA ASN B 150 -19.14 -4.05 5.98
C ASN B 150 -17.85 -3.32 6.31
N TYR B 151 -17.20 -3.77 7.39
CA TYR B 151 -15.96 -3.18 7.86
C TYR B 151 -14.87 -3.13 6.80
N GLU B 152 -14.77 -4.18 5.99
CA GLU B 152 -13.71 -4.34 5.01
C GLU B 152 -13.85 -3.32 3.87
N ALA B 153 -15.09 -3.14 3.40
CA ALA B 153 -15.41 -2.11 2.43
C ALA B 153 -15.09 -0.72 2.99
N TRP B 154 -15.42 -0.50 4.26
CA TRP B 154 -15.12 0.77 4.91
C TRP B 154 -13.62 1.06 4.91
N VAL B 155 -12.82 0.07 5.36
CA VAL B 155 -11.37 0.20 5.39
C VAL B 155 -10.81 0.52 4.00
N HIS B 156 -11.31 -0.23 3.00
CA HIS B 156 -10.87 -0.10 1.63
C HIS B 156 -11.02 1.34 1.13
N GLY B 157 -12.18 1.94 1.40
CA GLY B 157 -12.45 3.32 1.03
C GLY B 157 -11.74 4.33 1.92
N PHE B 158 -11.59 4.01 3.21
CA PHE B 158 -11.09 4.97 4.18
C PHE B 158 -9.57 5.17 4.16
N ALA B 159 -8.82 4.07 4.11
CA ALA B 159 -7.37 4.13 4.26
C ALA B 159 -6.72 5.17 3.34
N PRO B 160 -7.01 5.18 2.02
CA PRO B 160 -6.43 6.18 1.13
C PRO B 160 -6.82 7.62 1.47
N LEU B 161 -8.09 7.85 1.81
CA LEU B 161 -8.56 9.16 2.23
C LEU B 161 -7.77 9.69 3.43
N ALA B 162 -7.59 8.83 4.42
CA ALA B 162 -6.96 9.24 5.68
C ALA B 162 -5.47 9.52 5.49
N VAL B 163 -4.81 8.68 4.69
CA VAL B 163 -3.36 8.75 4.56
C VAL B 163 -2.97 9.81 3.54
N GLY B 164 -3.69 9.86 2.41
CA GLY B 164 -3.39 10.81 1.35
C GLY B 164 -2.87 10.19 0.04
N ALA B 165 -2.66 11.06 -0.95
CA ALA B 165 -2.33 10.64 -2.31
C ALA B 165 -0.84 10.33 -2.46
N ASP B 166 -0.53 9.50 -3.47
CA ASP B 166 0.82 9.10 -3.84
C ASP B 166 1.82 8.78 -2.70
N VAL B 167 1.32 8.12 -1.66
CA VAL B 167 2.15 7.49 -0.64
C VAL B 167 1.74 6.02 -0.46
N PRO B 168 1.91 5.15 -1.49
CA PRO B 168 1.36 3.80 -1.46
C PRO B 168 1.80 2.97 -0.26
N ALA B 169 3.08 3.07 0.09
CA ALA B 169 3.65 2.33 1.20
C ALA B 169 2.87 2.64 2.49
N ALA B 170 2.57 3.93 2.70
CA ALA B 170 1.84 4.36 3.87
C ALA B 170 0.41 3.83 3.89
N VAL B 171 -0.27 3.89 2.73
CA VAL B 171 -1.63 3.40 2.62
C VAL B 171 -1.70 1.89 2.86
N ARG B 172 -0.77 1.15 2.27
CA ARG B 172 -0.71 -0.29 2.42
C ARG B 172 -0.58 -0.68 3.90
N GLU B 173 0.32 0.03 4.60
CA GLU B 173 0.56 -0.21 6.00
C GLU B 173 -0.67 0.06 6.87
N PHE B 174 -1.32 1.20 6.64
CA PHE B 174 -2.48 1.60 7.43
C PHE B 174 -3.65 0.64 7.20
N SER B 175 -3.81 0.20 5.94
CA SER B 175 -4.79 -0.82 5.61
C SER B 175 -4.54 -2.09 6.42
N ARG B 176 -3.29 -2.56 6.40
CA ARG B 176 -2.90 -3.77 7.10
C ARG B 176 -3.33 -3.74 8.57
N THR B 177 -3.00 -2.66 9.27
CA THR B 177 -3.25 -2.55 10.71
C THR B 177 -4.72 -2.34 11.04
N LEU B 178 -5.48 -1.76 10.11
CA LEU B 178 -6.93 -1.65 10.24
C LEU B 178 -7.60 -3.01 10.08
N PHE B 179 -7.12 -3.80 9.10
CA PHE B 179 -7.63 -5.15 8.90
C PHE B 179 -7.27 -6.11 10.03
N ASN B 180 -6.18 -5.83 10.74
CA ASN B 180 -5.79 -6.61 11.90
C ASN B 180 -6.71 -6.41 13.11
N MET B 181 -7.38 -5.25 13.17
CA MET B 181 -8.30 -4.95 14.25
C MET B 181 -9.59 -5.73 14.04
N ARG B 182 -10.11 -6.31 15.14
CA ARG B 182 -11.42 -6.93 15.10
C ARG B 182 -12.44 -5.82 14.82
N PRO B 183 -13.35 -6.00 13.83
CA PRO B 183 -14.27 -4.94 13.42
C PRO B 183 -15.04 -4.28 14.55
N ASP B 184 -15.56 -5.09 15.49
CA ASP B 184 -16.36 -4.57 16.59
C ASP B 184 -15.53 -3.72 17.54
N ILE B 185 -14.22 -4.00 17.63
CA ILE B 185 -13.31 -3.21 18.43
C ILE B 185 -13.11 -1.84 17.79
N SER B 186 -12.80 -1.83 16.48
CA SER B 186 -12.65 -0.58 15.73
C SER B 186 -13.86 0.33 15.93
N LEU B 187 -15.05 -0.24 15.76
CA LEU B 187 -16.29 0.51 15.92
C LEU B 187 -16.47 1.04 17.33
N PHE B 188 -16.22 0.18 18.33
CA PHE B 188 -16.41 0.54 19.72
C PHE B 188 -15.47 1.67 20.16
N VAL B 189 -14.20 1.56 19.74
CA VAL B 189 -13.19 2.58 20.03
C VAL B 189 -13.56 3.91 19.37
N SER B 190 -14.01 3.84 18.11
CA SER B 190 -14.47 5.01 17.39
C SER B 190 -15.61 5.71 18.12
N ARG B 191 -16.59 4.93 18.57
CA ARG B 191 -17.70 5.44 19.39
C ARG B 191 -17.18 6.16 20.63
N THR B 192 -16.25 5.52 21.33
CA THR B 192 -15.65 6.09 22.53
C THR B 192 -15.02 7.45 22.22
N VAL B 193 -14.18 7.47 21.18
CA VAL B 193 -13.41 8.67 20.87
C VAL B 193 -14.27 9.81 20.34
N PHE B 194 -15.25 9.49 19.47
CA PHE B 194 -16.12 10.50 18.89
C PHE B 194 -17.00 11.19 19.93
N ASN B 195 -17.28 10.50 21.04
CA ASN B 195 -18.11 11.06 22.11
C ASN B 195 -17.30 11.56 23.29
N SER B 196 -15.99 11.76 23.08
CA SER B 196 -15.15 12.41 24.08
C SER B 196 -15.12 13.92 23.88
N ASP B 197 -14.79 14.65 24.94
CA ASP B 197 -14.67 16.09 24.88
C ASP B 197 -13.70 16.55 25.98
N LEU B 198 -12.51 17.00 25.56
CA LEU B 198 -11.48 17.46 26.49
C LEU B 198 -11.39 18.98 26.58
N ARG B 199 -12.28 19.70 25.86
CA ARG B 199 -12.24 21.15 25.82
C ARG B 199 -12.29 21.77 27.22
N GLY B 200 -13.03 21.13 28.13
CA GLY B 200 -13.18 21.62 29.50
C GLY B 200 -11.93 21.56 30.36
N VAL B 201 -10.97 20.68 30.01
CA VAL B 201 -9.79 20.47 30.84
C VAL B 201 -8.47 20.95 30.22
N LEU B 202 -8.53 21.50 29.01
CA LEU B 202 -7.33 21.97 28.33
C LEU B 202 -6.57 23.03 29.12
N GLY B 203 -7.31 23.89 29.82
CA GLY B 203 -6.72 24.94 30.63
C GLY B 203 -5.90 24.43 31.81
N LEU B 204 -6.19 23.19 32.25
CA LEU B 204 -5.51 22.58 33.38
C LEU B 204 -4.16 21.96 33.02
N VAL B 205 -3.85 21.87 31.72
CA VAL B 205 -2.56 21.37 31.27
C VAL B 205 -1.48 22.36 31.69
N ARG B 206 -0.44 21.86 32.35
CA ARG B 206 0.68 22.67 32.81
C ARG B 206 2.01 22.37 32.12
N VAL B 207 2.10 21.21 31.47
CA VAL B 207 3.34 20.79 30.84
C VAL B 207 3.54 21.52 29.51
N PRO B 208 4.80 21.87 29.14
CA PRO B 208 5.06 22.40 27.81
C PRO B 208 4.56 21.47 26.71
N THR B 209 3.92 22.05 25.68
CA THR B 209 3.25 21.27 24.67
C THR B 209 3.58 21.75 23.25
N CYS B 210 3.94 20.81 22.38
CA CYS B 210 4.03 21.07 20.95
C CYS B 210 2.90 20.34 20.24
N VAL B 211 2.05 21.10 19.53
CA VAL B 211 1.01 20.53 18.71
C VAL B 211 1.50 20.50 17.26
N ILE B 212 1.54 19.30 16.68
CA ILE B 212 1.88 19.12 15.28
C ILE B 212 0.61 18.78 14.51
N GLN B 213 0.10 19.78 13.78
CA GLN B 213 -1.04 19.63 12.89
C GLN B 213 -0.53 19.22 11.51
N THR B 214 -1.31 18.39 10.81
CA THR B 214 -1.02 18.07 9.42
C THR B 214 -1.83 18.99 8.51
N ALA B 215 -1.46 19.03 7.22
CA ALA B 215 -2.01 19.99 6.27
C ALA B 215 -3.50 19.75 5.99
N LYS B 216 -3.89 18.49 5.85
CA LYS B 216 -5.28 18.14 5.59
C LYS B 216 -5.61 16.79 6.24
N ASP B 217 -5.94 16.85 7.53
CA ASP B 217 -6.37 15.70 8.28
C ASP B 217 -7.89 15.57 8.19
N VAL B 218 -8.37 14.41 7.74
CA VAL B 218 -9.81 14.15 7.69
C VAL B 218 -10.45 14.16 9.08
N SER B 219 -9.64 13.91 10.12
CA SER B 219 -10.15 13.90 11.48
C SER B 219 -9.96 15.22 12.25
N VAL B 220 -9.17 16.15 11.69
CA VAL B 220 -8.81 17.36 12.40
C VAL B 220 -8.79 18.60 11.50
N PRO B 221 -9.84 19.46 11.54
CA PRO B 221 -9.79 20.74 10.84
C PRO B 221 -8.60 21.59 11.24
N ALA B 222 -8.16 22.47 10.32
CA ALA B 222 -7.04 23.34 10.56
C ALA B 222 -7.31 24.34 11.70
N SER B 223 -8.58 24.73 11.86
CA SER B 223 -9.01 25.63 12.91
C SER B 223 -8.74 25.15 14.33
N VAL B 224 -8.65 23.83 14.51
CA VAL B 224 -8.37 23.22 15.81
C VAL B 224 -7.00 23.63 16.35
N ALA B 225 -6.02 23.82 15.46
CA ALA B 225 -4.68 24.21 15.86
C ALA B 225 -4.70 25.52 16.66
N GLU B 226 -5.33 26.55 16.10
CA GLU B 226 -5.41 27.84 16.76
C GLU B 226 -6.28 27.79 18.02
N TYR B 227 -7.32 26.94 18.01
CA TYR B 227 -8.13 26.73 19.19
C TYR B 227 -7.26 26.22 20.34
N LEU B 228 -6.40 25.25 20.06
CA LEU B 228 -5.50 24.68 21.05
C LEU B 228 -4.48 25.69 21.56
N ARG B 229 -4.02 26.61 20.69
CA ARG B 229 -3.12 27.67 21.09
C ARG B 229 -3.79 28.55 22.14
N SER B 230 -5.07 28.83 21.91
CA SER B 230 -5.85 29.70 22.79
C SER B 230 -6.19 29.06 24.13
N HIS B 231 -6.36 27.73 24.13
CA HIS B 231 -7.01 27.05 25.24
C HIS B 231 -6.11 26.16 26.12
N LEU B 232 -4.98 25.70 25.56
CA LEU B 232 -4.03 24.90 26.31
C LEU B 232 -3.34 25.75 27.38
N GLY B 233 -3.31 25.22 28.61
CA GLY B 233 -2.82 25.96 29.77
C GLY B 233 -1.30 26.05 29.87
N GLY B 234 -0.61 25.03 29.35
CA GLY B 234 0.85 25.03 29.36
C GLY B 234 1.44 25.98 28.33
N ASP B 235 2.76 26.15 28.39
CA ASP B 235 3.50 26.87 27.37
C ASP B 235 3.41 26.06 26.07
N THR B 236 2.61 26.56 25.12
CA THR B 236 2.21 25.78 23.96
C THR B 236 2.78 26.34 22.65
N THR B 237 3.19 25.45 21.76
CA THR B 237 3.64 25.78 20.41
C THR B 237 2.83 24.96 19.41
N VAL B 238 2.54 25.59 18.27
CA VAL B 238 1.81 24.94 17.19
C VAL B 238 2.70 24.93 15.95
N GLU B 239 2.75 23.77 15.28
CA GLU B 239 3.50 23.62 14.04
C GLU B 239 2.63 22.85 13.05
N THR B 240 2.74 23.22 11.77
CA THR B 240 1.94 22.60 10.73
C THR B 240 2.87 21.96 9.69
N LEU B 241 2.72 20.64 9.51
CA LEU B 241 3.46 19.93 8.48
C LEU B 241 2.99 20.36 7.10
N LYS B 242 3.90 20.26 6.12
CA LYS B 242 3.60 20.59 4.73
C LYS B 242 2.87 19.44 4.05
N THR B 243 3.22 18.21 4.43
CA THR B 243 2.57 17.01 3.92
C THR B 243 1.14 16.91 4.43
N GLU B 244 0.26 16.35 3.58
CA GLU B 244 -1.13 16.10 3.93
C GLU B 244 -1.28 14.66 4.42
N GLY B 245 -2.29 14.42 5.25
CA GLY B 245 -2.62 13.08 5.71
C GLY B 245 -2.61 12.96 7.23
N HIS B 246 -3.24 11.90 7.73
CA HIS B 246 -3.37 11.69 9.20
C HIS B 246 -2.19 10.91 9.78
N LEU B 247 -1.42 10.22 8.94
CA LEU B 247 -0.32 9.37 9.42
C LEU B 247 1.03 9.85 8.88
N PRO B 248 1.55 11.01 9.33
CA PRO B 248 2.84 11.57 8.86
C PRO B 248 4.02 10.65 9.16
N GLN B 249 3.97 9.93 10.27
CA GLN B 249 5.06 8.99 10.66
C GLN B 249 5.29 7.97 9.54
N LEU B 250 4.28 7.73 8.72
CA LEU B 250 4.44 6.80 7.61
C LEU B 250 4.59 7.48 6.25
N SER B 251 3.91 8.60 6.05
CA SER B 251 3.87 9.24 4.74
C SER B 251 4.95 10.30 4.54
N ALA B 252 5.37 10.95 5.65
CA ALA B 252 6.40 11.96 5.60
C ALA B 252 7.34 11.84 6.79
N PRO B 253 8.03 10.68 6.96
CA PRO B 253 8.84 10.43 8.16
C PRO B 253 10.01 11.39 8.35
N ALA B 254 10.63 11.82 7.25
CA ALA B 254 11.76 12.74 7.32
C ALA B 254 11.32 14.08 7.90
N GLN B 255 10.16 14.58 7.44
CA GLN B 255 9.64 15.87 7.86
C GLN B 255 9.18 15.81 9.31
N LEU B 256 8.49 14.74 9.70
CA LEU B 256 8.06 14.57 11.07
C LEU B 256 9.24 14.48 12.02
N ALA B 257 10.23 13.65 11.66
CA ALA B 257 11.48 13.53 12.41
C ALA B 257 12.12 14.89 12.68
N GLN B 258 12.13 15.74 11.65
CA GLN B 258 12.67 17.09 11.76
C GLN B 258 11.92 17.91 12.79
N PHE B 259 10.59 17.89 12.74
CA PHE B 259 9.76 18.62 13.68
C PHE B 259 9.99 18.12 15.10
N LEU B 260 10.03 16.80 15.27
CA LEU B 260 10.30 16.20 16.56
C LEU B 260 11.67 16.63 17.09
N ARG B 261 12.69 16.57 16.23
CA ARG B 261 14.05 16.89 16.61
C ARG B 261 14.18 18.27 17.24
N ARG B 262 13.39 19.24 16.77
CA ARG B 262 13.42 20.60 17.32
C ARG B 262 12.55 20.76 18.56
N ALA B 263 11.52 19.91 18.69
CA ALA B 263 10.58 20.00 19.79
C ALA B 263 11.03 19.22 21.02
N LEU B 264 11.80 18.14 20.82
CA LEU B 264 12.18 17.25 21.90
C LEU B 264 13.20 17.87 22.85
N PRO B 265 13.04 17.69 24.19
CA PRO B 265 14.10 18.01 25.14
C PRO B 265 15.37 17.18 24.92
#